data_9HD9
#
_entry.id   9HD9
#
_cell.length_a   51.869
_cell.length_b   51.869
_cell.length_c   146.939
_cell.angle_alpha   90.00
_cell.angle_beta   90.00
_cell.angle_gamma   90.00
#
_symmetry.space_group_name_H-M   'P 41 21 2'
#
loop_
_entity.id
_entity.type
_entity.pdbx_description
1 polymer 'Telomeric repeat-binding factor 1'
2 non-polymer N-cyclopropylpyrazolo[1,5-a]pyrimidine-3-carboxamide
3 non-polymer 1,2-ETHANEDIOL
4 water water
#
_entity_poly.entity_id   1
_entity_poly.type   'polypeptide(L)'
_entity_poly.pdbx_seq_one_letter_code
;SNAQVQVGAPEEEEEEEEDAGLVAEAEAVAAGWMLDFLCLSLCRAFRDGRSEDFRRTRNSAEAIIHGLSSLTACQLRTIY
ICQFLTRIAAGKTLDAQFENDERITPLESALMIWGSIEKEHDKLHEEIQNLIKIQAIAVCMENGNFKEAEEVFERIFGDP
NSHMPFKSKLLMIISQKDTFHSFFQHFSYNHMMEKIKSYVNYVLSEKSSTFLMKAAAKVVESKR
;
_entity_poly.pdbx_strand_id   A
#
loop_
_chem_comp.id
_chem_comp.type
_chem_comp.name
_chem_comp.formula
EDO non-polymer 1,2-ETHANEDIOL 'C2 H6 O2'
UUP non-polymer N-cyclopropylpyrazolo[1,5-a]pyrimidine-3-carboxamide 'C10 H10 N4 O'
#
# COMPACT_ATOMS: atom_id res chain seq x y z
N GLU A 16 -13.02 39.09 9.38
CA GLU A 16 -12.58 38.87 10.76
C GLU A 16 -11.60 37.72 10.85
N GLU A 17 -10.46 37.94 11.53
CA GLU A 17 -9.42 36.93 11.72
C GLU A 17 -9.99 35.69 12.42
N GLU A 18 -10.69 35.91 13.56
CA GLU A 18 -11.28 34.86 14.38
C GLU A 18 -12.24 33.96 13.62
N ASP A 19 -13.14 34.53 12.81
CA ASP A 19 -14.10 33.77 12.01
C ASP A 19 -13.37 32.90 10.97
N ALA A 20 -12.45 33.52 10.21
CA ALA A 20 -11.65 32.83 9.21
C ALA A 20 -10.88 31.65 9.81
N GLY A 21 -10.33 31.87 11.01
CA GLY A 21 -9.58 30.86 11.75
C GLY A 21 -10.43 29.69 12.20
N LEU A 22 -11.63 29.97 12.70
CA LEU A 22 -12.55 28.93 13.17
C LEU A 22 -12.96 28.04 11.99
N VAL A 23 -13.23 28.65 10.82
CA VAL A 23 -13.62 27.95 9.61
C VAL A 23 -12.50 27.07 9.10
N ALA A 24 -11.25 27.56 9.10
CA ALA A 24 -10.10 26.77 8.67
C ALA A 24 -9.88 25.59 9.63
N GLU A 25 -10.12 25.80 10.94
CA GLU A 25 -10.00 24.72 11.90
C GLU A 25 -11.08 23.65 11.64
N ALA A 26 -12.30 24.07 11.28
CA ALA A 26 -13.37 23.10 11.00
C ALA A 26 -13.09 22.36 9.70
N GLU A 27 -12.54 23.05 8.68
CA GLU A 27 -12.15 22.39 7.44
C GLU A 27 -11.08 21.35 7.70
N ALA A 28 -10.15 21.60 8.64
CA ALA A 28 -9.12 20.60 8.97
C ALA A 28 -9.75 19.37 9.67
N VAL A 29 -10.74 19.59 10.55
CA VAL A 29 -11.44 18.46 11.21
C VAL A 29 -12.14 17.60 10.16
N ALA A 30 -12.90 18.24 9.27
CA ALA A 30 -13.65 17.52 8.25
C ALA A 30 -12.72 16.77 7.28
N ALA A 31 -11.56 17.37 6.93
CA ALA A 31 -10.61 16.70 6.05
C ALA A 31 -10.05 15.44 6.70
N GLY A 32 -9.84 15.49 8.03
CA GLY A 32 -9.39 14.34 8.81
C GLY A 32 -10.42 13.22 8.80
N TRP A 33 -11.70 13.59 8.91
CA TRP A 33 -12.78 12.62 8.85
C TRP A 33 -12.86 11.99 7.45
N MET A 34 -12.71 12.81 6.40
CA MET A 34 -12.78 12.32 5.02
C MET A 34 -11.59 11.36 4.72
N LEU A 35 -10.42 11.65 5.28
CA LEU A 35 -9.24 10.83 5.05
C LEU A 35 -9.45 9.40 5.59
N ASP A 36 -9.95 9.27 6.83
CA ASP A 36 -10.22 7.97 7.46
C ASP A 36 -11.29 7.20 6.66
N PHE A 37 -12.34 7.91 6.21
CA PHE A 37 -13.39 7.25 5.43
C PHE A 37 -12.83 6.72 4.11
N LEU A 38 -12.05 7.54 3.38
CA LEU A 38 -11.49 7.14 2.10
C LEU A 38 -10.48 5.99 2.27
N CYS A 39 -9.73 5.98 3.37
CA CYS A 39 -8.79 4.88 3.64
C CYS A 39 -9.59 3.58 3.83
N LEU A 40 -10.67 3.62 4.59
CA LEU A 40 -11.53 2.46 4.80
C LEU A 40 -12.15 1.97 3.48
N SER A 41 -12.58 2.92 2.62
CA SER A 41 -13.16 2.58 1.32
CA SER A 41 -13.16 2.58 1.32
C SER A 41 -12.11 1.96 0.40
N LEU A 42 -10.89 2.49 0.46
CA LEU A 42 -9.75 2.00 -0.34
C LEU A 42 -9.38 0.59 0.13
N CYS A 43 -9.36 0.34 1.46
CA CYS A 43 -9.03 -1.00 1.96
C CYS A 43 -10.06 -2.02 1.50
N ARG A 44 -11.34 -1.63 1.58
CA ARG A 44 -12.39 -2.54 1.17
C ARG A 44 -12.33 -2.84 -0.32
N ALA A 45 -12.02 -1.85 -1.19
CA ALA A 45 -11.93 -2.09 -2.65
C ALA A 45 -10.75 -3.02 -2.94
N PHE A 46 -9.63 -2.80 -2.23
CA PHE A 46 -8.46 -3.69 -2.35
C PHE A 46 -8.81 -5.12 -1.95
N ARG A 47 -9.44 -5.32 -0.76
CA ARG A 47 -9.81 -6.65 -0.27
C ARG A 47 -10.77 -7.34 -1.25
N ASP A 48 -11.76 -6.60 -1.76
CA ASP A 48 -12.76 -7.13 -2.69
C ASP A 48 -12.28 -7.32 -4.11
N GLY A 49 -11.14 -6.74 -4.47
CA GLY A 49 -10.65 -6.79 -5.86
C GLY A 49 -11.47 -5.90 -6.78
N ARG A 50 -12.07 -4.81 -6.25
CA ARG A 50 -12.87 -3.90 -7.08
C ARG A 50 -11.89 -2.90 -7.66
N SER A 51 -11.25 -3.27 -8.77
CA SER A 51 -10.18 -2.47 -9.39
CA SER A 51 -10.18 -2.47 -9.39
C SER A 51 -10.52 -1.01 -9.72
N GLU A 52 -11.67 -0.77 -10.30
CA GLU A 52 -12.10 0.59 -10.70
C GLU A 52 -12.50 1.46 -9.53
N ASP A 53 -13.20 0.90 -8.56
CA ASP A 53 -13.53 1.60 -7.33
C ASP A 53 -12.24 1.97 -6.59
N PHE A 54 -11.23 1.07 -6.58
CA PHE A 54 -9.94 1.36 -5.92
C PHE A 54 -9.29 2.56 -6.63
N ARG A 55 -9.27 2.56 -7.96
CA ARG A 55 -8.66 3.68 -8.72
C ARG A 55 -9.35 5.02 -8.38
N ARG A 56 -10.69 5.04 -8.42
CA ARG A 56 -11.44 6.27 -8.16
C ARG A 56 -11.27 6.75 -6.70
N THR A 57 -11.30 5.82 -5.74
CA THR A 57 -11.11 6.12 -4.31
C THR A 57 -9.71 6.68 -4.02
N ARG A 58 -8.68 6.11 -4.69
CA ARG A 58 -7.28 6.51 -4.60
C ARG A 58 -7.16 7.98 -5.06
N ASN A 59 -7.84 8.32 -6.18
CA ASN A 59 -7.88 9.69 -6.70
C ASN A 59 -8.47 10.64 -5.66
N SER A 60 -9.61 10.27 -5.03
CA SER A 60 -10.21 11.10 -3.98
C SER A 60 -9.31 11.29 -2.76
N ALA A 61 -8.70 10.18 -2.27
CA ALA A 61 -7.81 10.24 -1.13
C ALA A 61 -6.60 11.12 -1.41
N GLU A 62 -6.00 11.01 -2.62
CA GLU A 62 -4.85 11.85 -2.97
C GLU A 62 -5.20 13.34 -2.91
N ALA A 63 -6.35 13.70 -3.46
CA ALA A 63 -6.76 15.10 -3.50
C ALA A 63 -7.00 15.64 -2.07
N ILE A 64 -7.67 14.87 -1.22
CA ILE A 64 -7.94 15.28 0.15
C ILE A 64 -6.63 15.43 0.93
N ILE A 65 -5.65 14.52 0.68
CA ILE A 65 -4.36 14.60 1.36
C ILE A 65 -3.65 15.92 1.05
N HIS A 66 -3.76 16.41 -0.20
CA HIS A 66 -3.12 17.70 -0.56
C HIS A 66 -3.74 18.93 0.09
N GLY A 67 -4.95 18.78 0.62
CA GLY A 67 -5.64 19.87 1.33
C GLY A 67 -5.39 19.82 2.83
N LEU A 68 -4.55 18.86 3.29
CA LEU A 68 -4.20 18.68 4.70
C LEU A 68 -2.76 19.11 4.88
N SER A 69 -2.46 19.96 5.87
CA SER A 69 -1.07 20.32 6.13
C SER A 69 -0.52 19.55 7.35
N SER A 70 -0.83 19.99 8.59
CA SER A 70 -0.34 19.32 9.78
C SER A 70 -1.01 17.98 9.95
N LEU A 71 -0.23 16.98 10.33
CA LEU A 71 -0.77 15.63 10.49
C LEU A 71 -0.41 15.09 11.85
N THR A 72 -1.36 14.39 12.48
CA THR A 72 -1.06 13.67 13.71
C THR A 72 -0.33 12.36 13.32
N ALA A 73 0.24 11.63 14.31
CA ALA A 73 0.87 10.34 14.04
C ALA A 73 -0.16 9.37 13.47
N CYS A 74 -1.41 9.40 13.96
CA CYS A 74 -2.47 8.53 13.43
C CYS A 74 -2.73 8.84 11.91
N GLN A 75 -2.82 10.13 11.53
CA GLN A 75 -3.05 10.53 10.13
C GLN A 75 -1.90 10.13 9.20
N LEU A 76 -0.64 10.24 9.66
CA LEU A 76 0.51 9.81 8.85
C LEU A 76 0.43 8.29 8.59
N ARG A 77 0.05 7.52 9.62
CA ARG A 77 -0.08 6.06 9.46
C ARG A 77 -1.20 5.75 8.44
N THR A 78 -2.33 6.48 8.52
CA THR A 78 -3.44 6.30 7.57
C THR A 78 -2.97 6.58 6.14
N ILE A 79 -2.21 7.69 5.94
CA ILE A 79 -1.70 8.03 4.64
C ILE A 79 -0.73 6.96 4.13
N TYR A 80 0.18 6.50 4.98
CA TYR A 80 1.11 5.44 4.60
C TYR A 80 0.39 4.17 4.12
N ILE A 81 -0.69 3.76 4.80
CA ILE A 81 -1.47 2.59 4.41
C ILE A 81 -2.07 2.80 3.02
N CYS A 82 -2.65 4.00 2.74
CA CYS A 82 -3.19 4.28 1.39
C CYS A 82 -2.08 4.19 0.33
N GLN A 83 -0.94 4.77 0.62
CA GLN A 83 0.17 4.80 -0.34
C GLN A 83 0.68 3.34 -0.57
N PHE A 84 0.78 2.56 0.51
CA PHE A 84 1.27 1.17 0.45
C PHE A 84 0.35 0.33 -0.47
N LEU A 85 -0.96 0.41 -0.25
CA LEU A 85 -1.90 -0.33 -1.09
C LEU A 85 -1.84 0.10 -2.57
N THR A 86 -1.63 1.39 -2.84
CA THR A 86 -1.56 1.95 -4.20
C THR A 86 -0.34 1.36 -4.93
N ARG A 87 0.80 1.24 -4.22
CA ARG A 87 2.02 0.68 -4.76
C ARG A 87 1.89 -0.81 -5.02
N ILE A 88 1.24 -1.55 -4.10
CA ILE A 88 0.99 -2.99 -4.24
C ILE A 88 0.07 -3.20 -5.46
N ALA A 89 -0.99 -2.40 -5.59
CA ALA A 89 -1.89 -2.52 -6.75
C ALA A 89 -1.16 -2.27 -8.09
N ALA A 90 -0.15 -1.41 -8.07
CA ALA A 90 0.67 -1.11 -9.27
C ALA A 90 1.98 -1.93 -9.32
N GLY A 91 2.08 -2.98 -8.52
CA GLY A 91 3.32 -3.75 -8.40
C GLY A 91 3.85 -4.32 -9.71
N LYS A 92 2.95 -4.64 -10.65
CA LYS A 92 3.37 -5.15 -11.96
C LYS A 92 3.51 -4.05 -13.03
N THR A 93 3.32 -2.78 -12.67
CA THR A 93 3.43 -1.67 -13.61
C THR A 93 4.83 -1.06 -13.49
N LEU A 94 5.84 -1.69 -14.11
CA LEU A 94 7.23 -1.22 -14.01
C LEU A 94 7.49 0.18 -14.63
N ASP A 95 6.52 0.71 -15.38
CA ASP A 95 6.56 2.05 -15.97
C ASP A 95 6.13 3.14 -14.94
N ALA A 96 5.53 2.75 -13.81
CA ALA A 96 5.08 3.72 -12.81
C ALA A 96 6.22 4.17 -11.92
N GLN A 97 6.40 5.49 -11.79
CA GLN A 97 7.46 6.07 -10.98
C GLN A 97 6.86 6.70 -9.72
N PHE A 98 6.98 6.02 -8.57
CA PHE A 98 6.43 6.51 -7.32
C PHE A 98 7.42 7.33 -6.49
N GLU A 99 8.71 7.36 -6.85
CA GLU A 99 9.72 8.12 -6.10
C GLU A 99 10.46 9.14 -6.98
N ASN A 100 11.13 10.13 -6.35
CA ASN A 100 11.96 11.09 -7.09
C ASN A 100 13.10 10.35 -7.81
N ASP A 101 13.67 9.32 -7.17
CA ASP A 101 14.68 8.47 -7.82
C ASP A 101 13.86 7.51 -8.69
N GLU A 102 13.97 7.69 -10.01
CA GLU A 102 13.25 6.96 -11.05
C GLU A 102 13.61 5.47 -11.14
N ARG A 103 14.70 5.03 -10.50
CA ARG A 103 15.08 3.61 -10.55
C ARG A 103 14.23 2.73 -9.61
N ILE A 104 13.58 3.33 -8.61
CA ILE A 104 12.81 2.60 -7.61
C ILE A 104 11.51 2.05 -8.19
N THR A 105 11.37 0.72 -8.15
CA THR A 105 10.16 0.08 -8.67
C THR A 105 9.00 0.19 -7.68
N PRO A 106 7.77 -0.02 -8.16
CA PRO A 106 6.61 0.06 -7.25
C PRO A 106 6.69 -0.84 -6.03
N LEU A 107 7.12 -2.11 -6.18
CA LEU A 107 7.22 -3.01 -5.00
C LEU A 107 8.34 -2.56 -4.04
N GLU A 108 9.41 -1.95 -4.57
CA GLU A 108 10.48 -1.39 -3.72
C GLU A 108 9.93 -0.20 -2.91
N SER A 109 9.12 0.64 -3.56
CA SER A 109 8.45 1.75 -2.90
C SER A 109 7.50 1.24 -1.82
N ALA A 110 6.75 0.18 -2.10
CA ALA A 110 5.85 -0.43 -1.11
C ALA A 110 6.64 -0.94 0.11
N LEU A 111 7.80 -1.58 -0.13
CA LEU A 111 8.66 -2.09 0.93
C LEU A 111 9.18 -1.00 1.85
N MET A 112 9.57 0.19 1.28
CA MET A 112 10.04 1.35 2.06
C MET A 112 8.93 1.84 3.00
N ILE A 113 7.70 1.97 2.51
CA ILE A 113 6.57 2.40 3.31
C ILE A 113 6.26 1.36 4.41
N TRP A 114 6.28 0.07 4.03
CA TRP A 114 6.03 -1.03 4.99
C TRP A 114 6.98 -0.98 6.17
N GLY A 115 8.23 -0.63 5.92
CA GLY A 115 9.25 -0.53 6.96
C GLY A 115 9.22 0.78 7.75
N SER A 116 8.37 1.73 7.36
CA SER A 116 8.21 3.07 7.97
C SER A 116 6.94 3.20 8.81
N ILE A 117 5.92 2.38 8.57
CA ILE A 117 4.65 2.44 9.32
C ILE A 117 4.87 2.12 10.79
N GLU A 118 4.25 2.92 11.70
CA GLU A 118 4.35 2.68 13.14
C GLU A 118 3.37 1.56 13.43
N LYS A 119 3.86 0.32 13.37
CA LYS A 119 3.02 -0.85 13.53
C LYS A 119 3.81 -2.00 14.14
N GLU A 120 3.10 -2.95 14.76
CA GLU A 120 3.76 -4.10 15.40
C GLU A 120 4.50 -4.94 14.35
N HIS A 121 5.72 -5.38 14.67
CA HIS A 121 6.47 -6.22 13.76
C HIS A 121 6.23 -7.67 14.16
N ASP A 122 5.02 -8.14 13.89
CA ASP A 122 4.66 -9.52 14.20
C ASP A 122 5.08 -10.46 13.05
N LYS A 123 4.76 -11.78 13.15
CA LYS A 123 5.10 -12.75 12.12
C LYS A 123 4.51 -12.35 10.76
N LEU A 124 3.27 -11.85 10.75
CA LEU A 124 2.62 -11.45 9.50
C LEU A 124 3.35 -10.29 8.86
N HIS A 125 3.80 -9.31 9.67
CA HIS A 125 4.56 -8.17 9.11
C HIS A 125 5.82 -8.70 8.34
N GLU A 126 6.59 -9.59 8.97
CA GLU A 126 7.80 -10.12 8.33
C GLU A 126 7.50 -10.97 7.12
N GLU A 127 6.44 -11.78 7.18
CA GLU A 127 6.02 -12.59 6.03
C GLU A 127 5.68 -11.73 4.82
N ILE A 128 4.92 -10.63 5.05
CA ILE A 128 4.58 -9.70 3.97
C ILE A 128 5.84 -9.04 3.44
N GLN A 129 6.72 -8.60 4.34
CA GLN A 129 8.01 -7.99 3.98
C GLN A 129 8.82 -8.91 3.02
N ASN A 130 9.03 -10.18 3.41
CA ASN A 130 9.81 -11.10 2.58
C ASN A 130 9.13 -11.44 1.26
N LEU A 131 7.80 -11.54 1.25
CA LEU A 131 7.08 -11.81 0.01
C LEU A 131 7.21 -10.62 -0.99
N ILE A 132 7.19 -9.39 -0.50
CA ILE A 132 7.37 -8.20 -1.36
C ILE A 132 8.81 -8.20 -1.92
N LYS A 133 9.80 -8.57 -1.11
CA LYS A 133 11.21 -8.67 -1.57
C LYS A 133 11.35 -9.68 -2.70
N ILE A 134 10.78 -10.88 -2.55
CA ILE A 134 10.85 -11.90 -3.60
C ILE A 134 10.14 -11.43 -4.86
N GLN A 135 8.92 -10.88 -4.73
CA GLN A 135 8.16 -10.44 -5.89
C GLN A 135 8.76 -9.22 -6.58
N ALA A 136 9.46 -8.35 -5.86
CA ALA A 136 10.12 -7.20 -6.48
C ALA A 136 11.14 -7.67 -7.54
N ILE A 137 11.81 -8.78 -7.28
CA ILE A 137 12.76 -9.38 -8.22
C ILE A 137 11.96 -10.17 -9.29
N ALA A 138 11.01 -11.02 -8.86
CA ALA A 138 10.18 -11.82 -9.75
C ALA A 138 9.51 -11.03 -10.86
N VAL A 139 8.92 -9.87 -10.55
CA VAL A 139 8.23 -9.07 -11.58
C VAL A 139 9.23 -8.55 -12.64
N CYS A 140 10.49 -8.29 -12.26
CA CYS A 140 11.51 -7.84 -13.22
C CYS A 140 11.88 -9.01 -14.15
N MET A 141 12.05 -10.20 -13.57
CA MET A 141 12.39 -11.42 -14.31
CA MET A 141 12.39 -11.39 -14.34
C MET A 141 11.29 -11.76 -15.32
N GLU A 142 10.03 -11.70 -14.89
CA GLU A 142 8.89 -12.02 -15.76
C GLU A 142 8.79 -11.10 -16.97
N ASN A 143 9.28 -9.87 -16.86
CA ASN A 143 9.30 -8.90 -17.96
C ASN A 143 10.61 -8.98 -18.82
N GLY A 144 11.46 -9.96 -18.54
CA GLY A 144 12.73 -10.14 -19.22
C GLY A 144 13.78 -9.11 -18.85
N ASN A 145 13.55 -8.33 -17.78
CA ASN A 145 14.47 -7.30 -17.32
C ASN A 145 15.43 -7.91 -16.29
N PHE A 146 16.34 -8.77 -16.76
CA PHE A 146 17.31 -9.48 -15.92
C PHE A 146 18.33 -8.57 -15.22
N LYS A 147 18.79 -7.51 -15.91
CA LYS A 147 19.75 -6.58 -15.31
C LYS A 147 19.05 -5.72 -14.26
N GLU A 148 17.77 -5.34 -14.51
CA GLU A 148 17.01 -4.58 -13.51
C GLU A 148 16.78 -5.47 -12.26
N ALA A 149 16.49 -6.77 -12.44
CA ALA A 149 16.30 -7.70 -11.32
C ALA A 149 17.51 -7.74 -10.39
N GLU A 150 18.73 -7.78 -10.97
CA GLU A 150 19.95 -7.80 -10.19
C GLU A 150 20.18 -6.46 -9.48
N GLU A 151 19.71 -5.36 -10.03
CA GLU A 151 19.86 -4.04 -9.42
C GLU A 151 18.88 -3.87 -8.25
N VAL A 152 17.64 -4.38 -8.42
CA VAL A 152 16.62 -4.40 -7.37
C VAL A 152 17.15 -5.30 -6.23
N PHE A 153 17.73 -6.45 -6.56
CA PHE A 153 18.37 -7.35 -5.59
C PHE A 153 19.42 -6.61 -4.76
N GLU A 154 20.30 -5.84 -5.42
CA GLU A 154 21.35 -5.13 -4.70
C GLU A 154 20.80 -4.05 -3.76
N ARG A 155 19.73 -3.36 -4.19
CA ARG A 155 19.14 -2.31 -3.38
C ARG A 155 18.40 -2.89 -2.18
N ILE A 156 17.69 -4.00 -2.38
CA ILE A 156 16.96 -4.65 -1.31
C ILE A 156 17.88 -5.23 -0.24
N PHE A 157 18.88 -6.02 -0.65
CA PHE A 157 19.82 -6.57 0.32
C PHE A 157 20.92 -5.57 0.76
N GLY A 158 20.68 -4.28 0.53
CA GLY A 158 21.59 -3.21 0.93
C GLY A 158 20.94 -2.30 1.97
N MET A 164 21.29 -14.98 4.45
CA MET A 164 22.24 -15.65 3.56
C MET A 164 21.59 -16.74 2.66
N PRO A 165 20.91 -17.79 3.20
CA PRO A 165 20.34 -18.82 2.29
C PRO A 165 19.27 -18.32 1.33
N PHE A 166 18.36 -17.46 1.81
CA PHE A 166 17.27 -16.86 1.03
C PHE A 166 17.89 -15.99 -0.07
N LYS A 167 18.88 -15.17 0.31
CA LYS A 167 19.65 -14.27 -0.55
C LYS A 167 20.40 -15.03 -1.68
N SER A 168 21.09 -16.15 -1.35
CA SER A 168 21.82 -16.90 -2.37
C SER A 168 20.91 -17.62 -3.38
N LYS A 169 19.72 -18.05 -2.94
CA LYS A 169 18.78 -18.72 -3.84
C LYS A 169 18.31 -17.72 -4.90
N LEU A 170 17.98 -16.48 -4.47
CA LEU A 170 17.54 -15.43 -5.37
C LEU A 170 18.61 -15.05 -6.38
N LEU A 171 19.87 -14.85 -5.94
CA LEU A 171 20.94 -14.49 -6.86
C LEU A 171 21.17 -15.58 -7.92
N MET A 172 21.08 -16.86 -7.52
CA MET A 172 21.25 -17.95 -8.48
C MET A 172 20.13 -17.91 -9.53
N ILE A 173 18.86 -17.74 -9.12
CA ILE A 173 17.74 -17.64 -10.06
C ILE A 173 17.94 -16.46 -11.04
N ILE A 174 18.41 -15.31 -10.55
CA ILE A 174 18.64 -14.15 -11.41
C ILE A 174 19.72 -14.43 -12.50
N SER A 175 20.87 -14.98 -12.07
CA SER A 175 22.00 -15.28 -12.95
C SER A 175 21.68 -16.36 -13.99
N GLN A 176 20.76 -17.27 -13.66
CA GLN A 176 20.32 -18.30 -14.59
C GLN A 176 19.18 -17.83 -15.50
N LYS A 177 18.65 -16.60 -15.31
CA LYS A 177 17.54 -16.04 -16.08
C LYS A 177 16.33 -16.99 -16.06
N ASP A 178 16.10 -17.61 -14.90
CA ASP A 178 15.03 -18.57 -14.73
C ASP A 178 13.76 -17.85 -14.30
N THR A 179 13.13 -17.16 -15.26
CA THR A 179 11.89 -16.40 -15.04
C THR A 179 10.82 -17.21 -14.30
N PHE A 180 10.41 -18.35 -14.88
CA PHE A 180 9.38 -19.17 -14.28
C PHE A 180 9.95 -20.24 -13.35
N HIS A 181 10.84 -19.85 -12.44
CA HIS A 181 11.41 -20.79 -11.47
C HIS A 181 10.28 -21.22 -10.51
N SER A 182 10.34 -22.48 -10.06
CA SER A 182 9.36 -23.02 -9.12
C SER A 182 9.34 -22.27 -7.78
N PHE A 183 10.45 -21.62 -7.41
CA PHE A 183 10.56 -20.84 -6.17
C PHE A 183 9.55 -19.70 -6.16
N PHE A 184 9.38 -19.04 -7.31
CA PHE A 184 8.41 -17.95 -7.46
C PHE A 184 6.94 -18.43 -7.49
N GLN A 185 6.69 -19.75 -7.43
CA GLN A 185 5.35 -20.35 -7.37
C GLN A 185 4.96 -20.70 -5.91
N HIS A 186 5.96 -20.93 -5.05
CA HIS A 186 5.75 -21.18 -3.63
C HIS A 186 5.62 -19.82 -2.88
N PHE A 187 6.27 -18.75 -3.38
CA PHE A 187 6.21 -17.41 -2.79
C PHE A 187 5.71 -16.49 -3.90
N SER A 188 4.53 -16.82 -4.44
CA SER A 188 3.95 -16.17 -5.59
C SER A 188 3.32 -14.82 -5.34
N TYR A 189 2.96 -14.11 -6.41
CA TYR A 189 2.32 -12.80 -6.35
C TYR A 189 0.96 -12.94 -5.64
N ASN A 190 0.22 -14.02 -5.93
CA ASN A 190 -1.09 -14.27 -5.32
C ASN A 190 -0.97 -14.50 -3.81
N HIS A 191 0.09 -15.18 -3.39
CA HIS A 191 0.40 -15.45 -1.98
C HIS A 191 0.67 -14.14 -1.25
N MET A 192 1.44 -13.23 -1.89
CA MET A 192 1.72 -11.91 -1.32
C MET A 192 0.40 -11.13 -1.19
N MET A 193 -0.43 -11.11 -2.23
CA MET A 193 -1.73 -10.40 -2.18
C MET A 193 -2.63 -10.96 -1.05
N GLU A 194 -2.68 -12.29 -0.89
CA GLU A 194 -3.53 -12.88 0.15
C GLU A 194 -3.04 -12.54 1.56
N LYS A 195 -1.72 -12.56 1.78
CA LYS A 195 -1.16 -12.17 3.08
C LYS A 195 -1.47 -10.69 3.35
N ILE A 196 -1.31 -9.84 2.32
CA ILE A 196 -1.64 -8.42 2.47
C ILE A 196 -3.15 -8.23 2.74
N LYS A 197 -4.03 -8.98 2.05
CA LYS A 197 -5.47 -8.88 2.33
C LYS A 197 -5.79 -9.27 3.78
N SER A 198 -5.01 -10.20 4.38
CA SER A 198 -5.21 -10.56 5.79
C SER A 198 -4.95 -9.33 6.69
N TYR A 199 -3.88 -8.56 6.38
CA TYR A 199 -3.54 -7.33 7.14
C TYR A 199 -4.62 -6.27 6.92
N VAL A 200 -5.06 -6.13 5.66
CA VAL A 200 -6.12 -5.19 5.29
C VAL A 200 -7.39 -5.44 6.09
N ASN A 201 -7.72 -6.70 6.35
CA ASN A 201 -8.89 -7.05 7.15
C ASN A 201 -8.82 -6.46 8.56
N TYR A 202 -7.63 -6.44 9.16
CA TYR A 202 -7.43 -5.88 10.51
C TYR A 202 -7.59 -4.34 10.46
N VAL A 203 -7.07 -3.68 9.40
CA VAL A 203 -7.22 -2.23 9.22
C VAL A 203 -8.71 -1.89 9.04
N LEU A 204 -9.45 -2.71 8.26
CA LEU A 204 -10.89 -2.52 8.06
C LEU A 204 -11.63 -2.62 9.39
N SER A 205 -11.25 -3.57 10.25
CA SER A 205 -11.87 -3.74 11.56
C SER A 205 -11.61 -2.52 12.44
N GLU A 206 -10.37 -2.03 12.42
CA GLU A 206 -9.89 -0.86 13.19
C GLU A 206 -10.53 0.46 12.76
N LYS A 207 -10.80 0.64 11.47
CA LYS A 207 -11.36 1.89 10.97
C LYS A 207 -12.87 1.86 10.72
N SER A 208 -13.52 0.70 10.88
CA SER A 208 -14.98 0.62 10.68
C SER A 208 -15.78 1.49 11.67
N SER A 209 -15.16 1.85 12.81
CA SER A 209 -15.84 2.66 13.82
C SER A 209 -15.54 4.16 13.72
N THR A 210 -14.80 4.63 12.68
CA THR A 210 -14.48 6.05 12.56
C THR A 210 -15.78 6.87 12.28
N PHE A 211 -15.77 8.16 12.68
CA PHE A 211 -16.94 9.04 12.61
C PHE A 211 -17.80 8.97 11.33
N LEU A 212 -17.22 9.26 10.15
CA LEU A 212 -18.01 9.39 8.92
C LEU A 212 -18.67 8.07 8.48
N MET A 213 -17.96 6.93 8.57
CA MET A 213 -18.58 5.63 8.23
C MET A 213 -19.65 5.25 9.26
N LYS A 214 -19.39 5.51 10.55
CA LYS A 214 -20.36 5.20 11.61
C LYS A 214 -21.66 5.99 11.41
N ALA A 215 -21.55 7.28 11.13
CA ALA A 215 -22.71 8.13 10.87
C ALA A 215 -23.47 7.69 9.60
N ALA A 216 -22.75 7.36 8.52
CA ALA A 216 -23.39 6.93 7.26
C ALA A 216 -24.10 5.58 7.45
N ALA A 217 -23.47 4.65 8.21
CA ALA A 217 -24.07 3.35 8.49
C ALA A 217 -25.34 3.49 9.32
N LYS A 218 -25.33 4.38 10.31
CA LYS A 218 -26.53 4.63 11.12
C LYS A 218 -27.71 5.19 10.28
N VAL A 219 -27.42 6.03 9.28
CA VAL A 219 -28.47 6.57 8.40
C VAL A 219 -29.08 5.45 7.55
N VAL A 220 -28.24 4.61 6.94
CA VAL A 220 -28.67 3.49 6.10
C VAL A 220 -29.52 2.53 6.92
N GLU A 221 -29.04 2.14 8.11
CA GLU A 221 -29.76 1.26 9.03
C GLU A 221 -31.08 1.86 9.48
N SER A 222 -31.15 3.18 9.70
CA SER A 222 -32.40 3.85 10.08
C SER A 222 -33.47 3.78 8.97
N LYS A 223 -33.05 3.60 7.72
CA LYS A 223 -33.98 3.48 6.60
C LYS A 223 -34.39 2.03 6.29
N ARG A 224 -33.87 1.04 7.06
CA ARG A 224 -34.18 -0.38 6.86
C ARG A 224 -35.43 -0.82 7.63
N1 UUP B . 0.45 8.20 -7.45
N3 UUP B . -2.83 8.61 -6.20
C4 UUP B . -0.54 7.89 -5.45
C5 UUP B . 0.66 7.84 -6.18
C6 UUP B . -1.55 8.96 -8.66
C7 UUP B . -2.87 9.21 -8.52
C8 UUP B . -3.48 8.99 -7.28
N UUP B . -2.03 7.54 -3.64
C UUP B . -0.75 7.52 -4.06
O UUP B . 0.19 7.16 -3.33
C1 UUP B . -2.44 7.20 -2.32
C2 UUP B . -2.64 8.33 -1.37
C3 UUP B . -3.81 7.60 -1.91
C9 UUP B . -1.52 8.34 -6.34
N2 UUP B . -0.87 8.53 -7.53
C1 EDO C . 10.46 2.32 -11.93
O1 EDO C . 9.96 3.12 -12.99
C2 EDO C . 11.74 1.65 -12.33
O2 EDO C . 11.47 0.34 -12.83
#